data_2GKU
#
_entry.id   2GKU
#
_cell.length_a   1.000
_cell.length_b   1.000
_cell.length_c   1.000
_cell.angle_alpha   90.00
_cell.angle_beta   90.00
_cell.angle_gamma   90.00
#
_symmetry.space_group_name_H-M   'P 1'
#
_entity_poly.entity_id   1
_entity_poly.type   'polydeoxyribonucleotide'
_entity_poly.pdbx_seq_one_letter_code
;(DT)(DT)(DG)(DG)(DG)(DT)(DT)(DA)(DG)(DG)(DG)(DT)(DT)(DA)(DG)(DG)(DG)(DT)(DT)(DA)
(DG)(DG)(DG)(DA)
;
_entity_poly.pdbx_strand_id   A
#
loop_
_chem_comp.id
_chem_comp.type
_chem_comp.name
_chem_comp.formula
DA DNA linking 2'-DEOXYADENOSINE-5'-MONOPHOSPHATE 'C10 H14 N5 O6 P'
DG DNA linking 2'-DEOXYGUANOSINE-5'-MONOPHOSPHATE 'C10 H14 N5 O7 P'
DT DNA linking THYMIDINE-5'-MONOPHOSPHATE 'C10 H15 N2 O8 P'
#